data_1HNE
#
_entry.id   1HNE
#
_cell.length_a   74.530
_cell.length_b   74.530
_cell.length_c   70.880
_cell.angle_alpha   90.00
_cell.angle_beta   90.00
_cell.angle_gamma   120.00
#
_symmetry.space_group_name_H-M   'P 63'
#
loop_
_entity.id
_entity.type
_entity.pdbx_description
1 polymer 'HUMAN LEUCOCYTE ELASTASE'
2 polymer 'METHOXYSUCCINYL-ALA-ALA-PRO-ALA CHLOROMETHYL KETONE INHIBITOR'
3 water water
#
loop_
_entity_poly.entity_id
_entity_poly.type
_entity_poly.pdbx_seq_one_letter_code
_entity_poly.pdbx_strand_id
1 'polypeptide(L)'
;IVGGRRARPHAWPFMVSLQLRGGHFCGATLIAPNFVMSAAHCVANVNVRAVRVVLGAHNLSRREPTRQVFAVQRIFEDGY
DPVNLLNDIVILQLNGSATINANVQVAQLPAQGRRLGNGVQCLAMGWGLLGRNRGIASVLQELNVTVVTSLCRRSNVCTL
VRGRQAGVCFGDSGSPLVCNGLIHGIASFVRGGCASGLYPDAFAPVAQFVNWIDSIIQ
;
E
2 'polypeptide(L)' (MSU)AAP(ALV)(0QE) I
#
loop_
_chem_comp.id
_chem_comp.type
_chem_comp.name
_chem_comp.formula
0QE non-polymer chloromethane 'C H3 Cl'
ALV peptide-like (2S)-2-aminopropane-1,1-diol 'C3 H9 N O2'
MSU non-polymer 'SUCCINIC ACID MONOMETHYL ESTER' 'C5 H8 O4'
#
# COMPACT_ATOMS: atom_id res chain seq x y z
N ILE A 1 -3.52 2.22 -10.00
CA ILE A 1 -2.56 3.19 -10.47
C ILE A 1 -2.90 3.72 -11.88
N VAL A 2 -2.94 5.06 -12.00
CA VAL A 2 -3.21 5.74 -13.26
C VAL A 2 -1.89 6.29 -13.82
N GLY A 3 -1.67 5.96 -15.10
CA GLY A 3 -0.50 6.47 -15.82
C GLY A 3 0.81 5.84 -15.46
N GLY A 4 0.84 4.65 -14.95
CA GLY A 4 2.03 3.90 -14.54
C GLY A 4 2.45 2.87 -15.58
N ARG A 5 3.25 1.89 -15.20
CA ARG A 5 3.75 0.86 -16.11
C ARG A 5 3.70 -0.48 -15.43
N ARG A 6 3.65 -1.58 -16.21
CA ARG A 6 3.66 -2.92 -15.62
C ARG A 6 5.00 -3.09 -14.92
N ALA A 7 4.98 -3.69 -13.73
CA ALA A 7 6.21 -3.98 -12.97
C ALA A 7 6.84 -5.26 -13.56
N ARG A 8 8.16 -5.38 -13.39
CA ARG A 8 8.79 -6.67 -13.84
C ARG A 8 8.23 -7.71 -12.84
N PRO A 9 7.92 -8.89 -13.32
CA PRO A 9 7.34 -9.93 -12.48
C PRO A 9 8.21 -10.19 -11.28
N HIS A 10 7.57 -10.17 -10.11
CA HIS A 10 8.18 -10.41 -8.82
C HIS A 10 9.27 -9.46 -8.46
N ALA A 11 9.27 -8.26 -9.03
CA ALA A 11 10.25 -7.22 -8.74
C ALA A 11 10.13 -6.69 -7.31
N TRP A 12 8.93 -6.77 -6.74
CA TRP A 12 8.65 -6.24 -5.39
C TRP A 12 8.02 -7.33 -4.56
N PRO A 13 8.84 -8.25 -4.07
CA PRO A 13 8.32 -9.46 -3.38
C PRO A 13 7.63 -9.26 -2.08
N PHE A 14 7.66 -8.05 -1.59
CA PHE A 14 6.96 -7.71 -0.33
C PHE A 14 5.53 -7.24 -0.67
N MET A 15 5.20 -7.10 -1.94
CA MET A 15 3.86 -6.61 -2.33
C MET A 15 2.80 -7.66 -2.09
N VAL A 16 1.70 -7.26 -1.41
CA VAL A 16 0.58 -8.18 -1.08
C VAL A 16 -0.75 -7.69 -1.68
N SER A 17 -1.60 -8.64 -1.94
CA SER A 17 -2.97 -8.31 -2.45
C SER A 17 -3.97 -8.77 -1.39
N LEU A 18 -4.89 -7.93 -0.96
CA LEU A 18 -5.95 -8.33 0.00
C LEU A 18 -7.19 -8.60 -0.86
N GLN A 19 -7.82 -9.77 -0.72
CA GLN A 19 -8.97 -10.14 -1.58
C GLN A 19 -10.18 -10.55 -0.75
N LEU A 20 -11.38 -10.42 -1.33
CA LEU A 20 -12.63 -10.82 -0.64
C LEU A 20 -13.26 -12.08 -1.15
N ARG A 21 -13.26 -12.21 -2.44
CA ARG A 21 -13.80 -13.46 -3.10
C ARG A 21 -12.47 -14.05 -3.62
N GLY A 22 -12.13 -13.47 -4.71
CA GLY A 22 -10.96 -13.64 -5.55
C GLY A 22 -10.90 -12.25 -6.25
N GLY A 23 -11.42 -11.29 -5.48
CA GLY A 23 -11.42 -9.90 -5.96
C GLY A 23 -10.54 -9.05 -5.02
N HIS A 24 -9.52 -8.53 -5.65
CA HIS A 24 -8.54 -7.61 -4.99
C HIS A 24 -9.27 -6.37 -4.52
N PHE A 25 -8.98 -5.86 -3.35
CA PHE A 25 -9.64 -4.58 -2.93
C PHE A 25 -8.65 -3.61 -2.30
N CYS A 26 -7.50 -4.11 -1.88
CA CYS A 26 -6.51 -3.22 -1.20
C CYS A 26 -5.15 -3.90 -1.27
N GLY A 27 -4.09 -3.08 -1.19
CA GLY A 27 -2.76 -3.74 -1.16
C GLY A 27 -2.33 -3.78 0.31
N ALA A 28 -1.12 -4.30 0.48
CA ALA A 28 -0.49 -4.44 1.79
C ALA A 28 1.01 -4.70 1.57
N THR A 29 1.75 -4.69 2.67
CA THR A 29 3.21 -4.94 2.59
C THR A 29 3.61 -6.06 3.58
N LEU A 30 4.43 -7.00 3.16
CA LEU A 30 4.89 -8.06 4.12
C LEU A 30 6.01 -7.41 4.95
N ILE A 31 5.82 -7.44 6.26
CA ILE A 31 6.77 -6.76 7.20
C ILE A 31 7.50 -7.74 8.08
N ALA A 32 7.02 -8.96 8.07
CA ALA A 32 7.59 -10.10 8.85
C ALA A 32 6.97 -11.28 8.16
N PRO A 33 7.43 -12.47 8.46
CA PRO A 33 6.88 -13.68 7.82
C PRO A 33 5.42 -13.86 8.17
N ASN A 34 4.98 -13.39 9.34
CA ASN A 34 3.57 -13.62 9.72
C ASN A 34 2.76 -12.35 9.96
N PHE A 35 3.21 -11.25 9.41
CA PHE A 35 2.52 -9.95 9.55
C PHE A 35 2.63 -9.12 8.26
N VAL A 36 1.53 -8.49 7.96
CA VAL A 36 1.36 -7.62 6.77
C VAL A 36 0.89 -6.28 7.28
N MET A 37 1.23 -5.20 6.62
CA MET A 37 0.86 -3.82 7.02
C MET A 37 -0.01 -3.25 5.89
N SER A 38 -1.10 -2.60 6.25
CA SER A 38 -2.04 -2.05 5.22
C SER A 38 -2.62 -0.78 5.79
N ALA A 39 -3.65 -0.25 5.14
CA ALA A 39 -4.34 0.97 5.54
C ALA A 39 -5.52 0.51 6.40
N ALA A 40 -5.73 1.18 7.51
CA ALA A 40 -6.86 0.86 8.41
C ALA A 40 -8.21 0.88 7.71
N HIS A 41 -8.42 1.81 6.80
CA HIS A 41 -9.68 1.99 6.10
C HIS A 41 -10.02 0.82 5.21
N CYS A 42 -9.02 0.05 4.84
CA CYS A 42 -9.24 -1.16 4.03
C CYS A 42 -9.98 -2.24 4.79
N VAL A 43 -9.87 -2.23 6.08
CA VAL A 43 -10.44 -3.33 6.93
C VAL A 43 -11.53 -2.85 7.84
N ALA A 44 -11.85 -1.56 7.83
CA ALA A 44 -12.83 -0.88 8.60
C ALA A 44 -14.23 -1.47 8.58
N ASN A 45 -14.79 -1.62 7.42
CA ASN A 45 -16.18 -2.16 7.28
C ASN A 45 -16.14 -3.36 6.36
N VAL A 46 -15.21 -4.26 6.67
CA VAL A 46 -15.06 -5.49 5.84
C VAL A 46 -15.18 -6.66 6.80
N ASN A 47 -15.56 -7.79 6.21
CA ASN A 47 -15.68 -9.03 7.02
C ASN A 47 -14.28 -9.65 7.08
N VAL A 48 -13.52 -9.27 8.07
CA VAL A 48 -12.14 -9.69 8.26
C VAL A 48 -11.88 -11.18 8.13
N ARG A 49 -12.79 -11.97 8.68
CA ARG A 49 -12.64 -13.43 8.63
C ARG A 49 -12.87 -13.91 7.21
N ALA A 50 -13.20 -13.01 6.29
CA ALA A 50 -13.40 -13.41 4.88
C ALA A 50 -12.26 -12.98 3.97
N VAL A 51 -11.38 -12.18 4.49
CA VAL A 51 -10.23 -11.65 3.76
C VAL A 51 -9.14 -12.72 3.50
N ARG A 52 -8.66 -12.71 2.28
CA ARG A 52 -7.57 -13.62 1.88
C ARG A 52 -6.32 -12.74 1.63
N VAL A 53 -5.21 -13.16 2.21
CA VAL A 53 -3.95 -12.38 2.05
C VAL A 53 -3.12 -13.15 1.04
N VAL A 54 -2.91 -12.58 -0.13
CA VAL A 54 -2.21 -13.13 -1.25
C VAL A 54 -0.79 -12.60 -1.41
N LEU A 55 0.16 -13.53 -1.23
CA LEU A 55 1.60 -13.27 -1.36
C LEU A 55 2.15 -13.89 -2.64
N GLY A 56 3.17 -13.29 -3.24
CA GLY A 56 3.88 -13.74 -4.42
C GLY A 56 3.11 -13.68 -5.70
N ALA A 57 2.20 -12.71 -5.80
CA ALA A 57 1.37 -12.52 -7.00
C ALA A 57 1.96 -11.47 -7.91
N HIS A 58 1.61 -11.61 -9.18
CA HIS A 58 2.01 -10.66 -10.22
C HIS A 58 0.79 -10.33 -11.07
N ASN A 59 0.25 -11.33 -11.73
CA ASN A 59 -0.94 -11.21 -12.61
C ASN A 59 -2.14 -11.85 -11.91
N LEU A 60 -3.05 -11.06 -11.40
CA LEU A 60 -4.18 -11.59 -10.64
C LEU A 60 -5.16 -12.41 -11.45
N SER A 61 -5.15 -12.29 -12.74
CA SER A 61 -6.14 -13.02 -13.58
C SER A 61 -5.59 -14.40 -13.92
N ARG A 62 -4.34 -14.64 -13.59
CA ARG A 62 -3.69 -15.91 -13.89
C ARG A 62 -3.50 -16.76 -12.63
N ARG A 63 -3.38 -18.05 -12.94
CA ARG A 63 -3.12 -19.09 -11.93
C ARG A 63 -1.58 -18.88 -11.81
N GLU A 64 -1.15 -18.69 -10.59
CA GLU A 64 0.30 -18.49 -10.39
C GLU A 64 0.77 -19.39 -9.26
N PRO A 65 1.63 -20.34 -9.60
CA PRO A 65 2.18 -21.29 -8.62
C PRO A 65 3.01 -20.64 -7.53
N THR A 66 3.50 -19.44 -7.76
CA THR A 66 4.28 -18.64 -6.86
C THR A 66 3.50 -18.10 -5.66
N ARG A 67 2.18 -18.16 -5.69
CA ARG A 67 1.33 -17.62 -4.66
C ARG A 67 1.32 -18.37 -3.35
N GLN A 68 1.05 -17.68 -2.28
CA GLN A 68 0.91 -18.17 -0.92
C GLN A 68 -0.32 -17.40 -0.38
N VAL A 69 -1.29 -18.13 0.10
CA VAL A 69 -2.52 -17.52 0.60
C VAL A 69 -2.69 -17.71 2.11
N PHE A 70 -2.93 -16.64 2.82
CA PHE A 70 -3.13 -16.67 4.27
C PHE A 70 -4.43 -15.97 4.64
N ALA A 71 -4.89 -16.30 5.84
CA ALA A 71 -6.08 -15.72 6.46
C ALA A 71 -5.55 -14.72 7.52
N VAL A 72 -6.44 -13.90 8.02
CA VAL A 72 -6.13 -12.92 9.05
C VAL A 72 -6.54 -13.49 10.41
N GLN A 73 -5.62 -13.48 11.32
CA GLN A 73 -5.84 -14.00 12.67
C GLN A 73 -6.12 -12.92 13.71
N ARG A 74 -5.48 -11.78 13.59
CA ARG A 74 -5.63 -10.66 14.54
C ARG A 74 -5.35 -9.36 13.78
N ILE A 75 -5.85 -8.28 14.31
CA ILE A 75 -5.70 -6.94 13.76
C ILE A 75 -5.12 -6.04 14.84
N PHE A 76 -4.19 -5.19 14.51
CA PHE A 76 -3.62 -4.24 15.46
C PHE A 76 -3.84 -2.85 14.82
N GLU A 77 -4.55 -2.01 15.51
CA GLU A 77 -4.82 -0.64 15.00
C GLU A 77 -4.09 0.33 15.91
N ASP A 78 -3.93 1.53 15.43
CA ASP A 78 -3.25 2.63 16.17
C ASP A 78 -4.28 3.69 16.30
N GLY A 79 -4.26 4.91 15.92
CA GLY A 79 -5.61 5.64 16.34
C GLY A 79 -6.41 6.00 15.14
N TYR A 80 -6.88 4.99 14.37
CA TYR A 80 -7.58 5.31 13.11
C TYR A 80 -8.74 6.25 13.32
N ASP A 81 -8.74 7.37 12.64
CA ASP A 81 -9.78 8.40 12.66
C ASP A 81 -10.38 8.52 11.27
N PRO A 82 -11.53 7.90 11.08
CA PRO A 82 -12.22 7.92 9.80
C PRO A 82 -12.76 9.25 9.34
N VAL A 83 -12.99 10.20 10.23
CA VAL A 83 -13.49 11.51 9.82
C VAL A 83 -12.34 12.34 9.23
N ASN A 84 -11.22 12.35 9.90
CA ASN A 84 -10.05 13.14 9.52
C ASN A 84 -9.06 12.33 8.69
N LEU A 85 -9.28 11.05 8.63
CA LEU A 85 -8.34 10.15 7.88
C LEU A 85 -6.93 10.24 8.50
N LEU A 86 -6.85 10.07 9.82
CA LEU A 86 -5.49 10.12 10.45
C LEU A 86 -5.18 8.70 10.90
N ASN A 87 -3.90 8.37 11.02
CA ASN A 87 -3.47 7.05 11.46
C ASN A 87 -4.13 5.96 10.63
N ASP A 88 -3.98 6.07 9.32
CA ASP A 88 -4.58 5.08 8.38
C ASP A 88 -3.62 3.93 8.11
N ILE A 89 -3.40 3.15 9.17
CA ILE A 89 -2.45 2.03 9.19
C ILE A 89 -2.98 0.92 10.10
N VAL A 90 -2.73 -0.31 9.65
CA VAL A 90 -3.18 -1.47 10.46
C VAL A 90 -2.13 -2.58 10.23
N ILE A 91 -1.98 -3.40 11.25
CA ILE A 91 -1.08 -4.56 11.15
C ILE A 91 -2.02 -5.77 11.21
N LEU A 92 -1.83 -6.73 10.32
CA LEU A 92 -2.68 -7.91 10.29
C LEU A 92 -1.74 -9.11 10.51
N GLN A 93 -2.05 -9.86 11.54
CA GLN A 93 -1.27 -11.09 11.85
C GLN A 93 -1.85 -12.25 11.03
N LEU A 94 -1.00 -12.98 10.35
CA LEU A 94 -1.41 -14.09 9.48
C LEU A 94 -1.66 -15.34 10.36
N ASN A 95 -2.40 -16.23 9.78
CA ASN A 95 -2.72 -17.53 10.44
C ASN A 95 -1.53 -18.46 10.24
N GLY A 96 -0.42 -17.95 9.79
CA GLY A 96 0.79 -18.77 9.55
C GLY A 96 1.94 -17.85 9.19
N SER A 97 3.04 -18.48 8.79
CA SER A 97 4.26 -17.75 8.39
C SER A 97 4.52 -18.03 6.91
N ALA A 98 4.84 -16.96 6.19
CA ALA A 98 5.14 -17.13 4.75
C ALA A 98 6.45 -17.92 4.62
N THR A 99 6.56 -18.59 3.48
CA THR A 99 7.78 -19.31 3.08
C THR A 99 8.62 -18.24 2.37
N ILE A 100 9.68 -17.71 2.97
CA ILE A 100 10.50 -16.72 2.27
C ILE A 100 11.23 -17.34 1.08
N ASN A 101 11.19 -16.72 -0.07
CA ASN A 101 11.84 -17.23 -1.29
C ASN A 101 12.09 -16.09 -2.24
N ALA A 102 12.44 -16.39 -3.49
CA ALA A 102 12.74 -15.32 -4.46
C ALA A 102 11.52 -14.42 -4.69
N ASN A 103 10.35 -15.02 -4.51
CA ASN A 103 9.09 -14.30 -4.79
C ASN A 103 8.38 -13.69 -3.62
N VAL A 104 8.76 -14.01 -2.42
CA VAL A 104 8.08 -13.51 -1.20
C VAL A 104 9.22 -13.12 -0.23
N GLN A 105 9.30 -11.87 0.10
CA GLN A 105 10.36 -11.37 0.98
C GLN A 105 9.80 -10.24 1.86
N VAL A 106 10.46 -10.00 2.96
CA VAL A 106 10.04 -8.91 3.88
C VAL A 106 10.65 -7.59 3.45
N ALA A 107 9.88 -6.51 3.59
CA ALA A 107 10.23 -5.14 3.26
C ALA A 107 11.08 -4.54 4.36
N GLN A 108 11.84 -3.52 4.00
CA GLN A 108 12.73 -2.83 5.00
C GLN A 108 12.00 -1.54 5.39
N LEU A 109 11.92 -1.24 6.66
CA LEU A 109 11.30 -0.03 7.14
C LEU A 109 12.34 1.05 7.48
N PRO A 110 11.89 2.28 7.54
CA PRO A 110 12.75 3.40 7.89
C PRO A 110 12.86 3.48 9.42
N ALA A 111 13.81 4.35 9.83
CA ALA A 111 13.98 4.56 11.31
C ALA A 111 12.86 5.50 11.78
N GLN A 112 12.48 5.37 13.01
CA GLN A 112 11.47 6.22 13.66
C GLN A 112 11.88 7.68 13.52
N GLY A 113 10.91 8.50 13.13
CA GLY A 113 10.98 9.91 12.95
C GLY A 113 11.61 10.45 11.68
N ARG A 114 12.16 9.58 10.86
CA ARG A 114 12.77 10.01 9.57
C ARG A 114 11.72 10.69 8.71
N ARG A 115 11.98 11.92 8.32
CA ARG A 115 11.01 12.66 7.46
C ARG A 115 11.66 13.01 6.13
N LEU A 116 10.85 12.92 5.10
CA LEU A 116 11.16 13.19 3.71
C LEU A 116 10.71 14.63 3.41
N GLY A 117 11.62 15.27 2.72
CA GLY A 117 11.35 16.67 2.28
C GLY A 117 10.94 16.55 0.80
N ASN A 118 10.55 17.71 0.35
CA ASN A 118 10.16 17.99 -1.03
C ASN A 118 11.32 17.49 -1.92
N GLY A 119 10.95 16.87 -3.01
CA GLY A 119 11.82 16.37 -4.03
C GLY A 119 12.31 14.97 -4.01
N VAL A 120 12.10 14.24 -2.94
CA VAL A 120 12.57 12.83 -2.89
C VAL A 120 11.77 12.05 -3.95
N GLN A 121 12.49 11.25 -4.71
CA GLN A 121 11.90 10.43 -5.78
C GLN A 121 11.58 9.03 -5.26
N CYS A 122 10.35 8.60 -5.44
CA CYS A 122 9.90 7.30 -4.88
C CYS A 122 9.08 6.54 -5.92
N LEU A 123 8.69 5.34 -5.61
CA LEU A 123 7.89 4.51 -6.53
C LEU A 123 6.63 4.09 -5.79
N ALA A 124 5.52 4.34 -6.42
CA ALA A 124 4.21 3.87 -5.85
C ALA A 124 3.84 2.61 -6.67
N MET A 125 2.98 1.75 -6.15
CA MET A 125 2.64 0.54 -6.88
C MET A 125 1.28 0.00 -6.36
N GLY A 126 0.68 -0.78 -7.22
CA GLY A 126 -0.62 -1.36 -6.82
C GLY A 126 -1.37 -1.95 -7.97
N TRP A 127 -2.47 -2.61 -7.59
CA TRP A 127 -3.38 -3.29 -8.50
C TRP A 127 -4.70 -2.52 -8.59
N GLY A 128 -4.71 -1.29 -8.07
CA GLY A 128 -5.94 -0.47 -8.11
C GLY A 128 -6.36 -0.06 -9.52
N LEU A 129 -7.42 0.78 -9.55
CA LEU A 129 -8.01 1.22 -10.83
C LEU A 129 -6.96 1.89 -11.72
N LEU A 130 -7.09 1.62 -13.01
CA LEU A 130 -6.24 2.15 -14.05
C LEU A 130 -6.68 3.50 -14.61
N GLY A 131 -7.87 3.90 -14.28
CA GLY A 131 -8.43 5.20 -14.74
C GLY A 131 -9.96 4.97 -14.84
N ARG A 132 -10.66 5.90 -15.48
CA ARG A 132 -12.14 5.61 -15.57
C ARG A 132 -12.51 5.36 -16.99
N ASN A 133 -11.92 4.27 -17.39
CA ASN A 133 -11.71 3.37 -18.46
C ASN A 133 -10.68 2.43 -17.70
N ARG A 134 -11.01 1.17 -17.74
CA ARG A 134 -10.12 0.19 -17.09
C ARG A 134 -10.54 0.14 -15.61
N GLY A 135 -10.83 -1.04 -15.18
CA GLY A 135 -11.25 -1.28 -13.76
C GLY A 135 -9.88 -1.54 -13.07
N ILE A 136 -9.93 -2.50 -12.19
CA ILE A 136 -8.70 -2.91 -11.45
C ILE A 136 -7.71 -3.46 -12.44
N ALA A 137 -6.43 -3.31 -12.19
CA ALA A 137 -5.36 -3.85 -13.04
C ALA A 137 -5.21 -5.36 -12.78
N SER A 138 -4.80 -6.10 -13.81
CA SER A 138 -4.54 -7.55 -13.67
C SER A 138 -3.06 -7.67 -13.26
N VAL A 139 -2.23 -6.90 -13.94
CA VAL A 139 -0.79 -6.94 -13.63
C VAL A 139 -0.37 -5.76 -12.76
N LEU A 140 0.49 -6.08 -11.77
CA LEU A 140 0.98 -5.04 -10.85
C LEU A 140 1.52 -3.86 -11.66
N GLN A 141 1.19 -2.64 -11.25
CA GLN A 141 1.66 -1.44 -11.90
C GLN A 141 2.61 -0.71 -10.94
N GLU A 142 3.53 0.04 -11.45
CA GLU A 142 4.41 0.88 -10.59
C GLU A 142 4.44 2.29 -11.22
N LEU A 143 4.84 3.26 -10.39
CA LEU A 143 4.82 4.65 -10.90
C LEU A 143 5.82 5.52 -10.16
N ASN A 144 6.61 6.24 -10.94
CA ASN A 144 7.58 7.17 -10.30
C ASN A 144 6.79 8.39 -9.82
N VAL A 145 7.02 8.73 -8.55
CA VAL A 145 6.38 9.93 -7.96
C VAL A 145 7.48 10.73 -7.21
N THR A 146 7.08 11.98 -6.95
CA THR A 146 7.93 12.90 -6.19
C THR A 146 7.23 13.34 -4.89
N VAL A 147 7.97 13.32 -3.82
CA VAL A 147 7.42 13.80 -2.54
C VAL A 147 7.27 15.34 -2.58
N VAL A 148 6.15 15.80 -2.08
CA VAL A 148 5.85 17.25 -2.01
C VAL A 148 5.19 17.55 -0.66
N THR A 149 5.51 18.73 -0.16
CA THR A 149 4.79 19.18 1.10
C THR A 149 3.84 20.14 0.45
N SER A 150 2.94 20.88 0.99
CA SER A 150 2.22 21.77 -0.06
C SER A 150 0.98 21.03 -0.52
N LEU A 151 -0.11 21.56 -0.04
CA LEU A 151 -1.42 20.91 -0.32
C LEU A 151 -1.36 19.56 0.41
N CYS A 152 -0.51 19.49 1.44
CA CYS A 152 -0.34 18.27 2.25
C CYS A 152 -0.37 18.61 3.73
N ARG A 153 -0.75 17.68 4.55
CA ARG A 153 -0.78 17.82 6.02
C ARG A 153 0.51 17.22 6.59
N ARG A 154 0.88 17.70 7.76
CA ARG A 154 2.11 17.27 8.42
C ARG A 154 1.99 15.79 8.83
N SER A 155 0.76 15.37 8.96
CA SER A 155 0.42 14.01 9.33
C SER A 155 0.37 13.07 8.13
N ASN A 156 0.84 13.51 6.96
CA ASN A 156 0.85 12.56 5.81
C ASN A 156 2.13 12.77 5.01
N VAL A 157 2.39 11.83 4.15
CA VAL A 157 3.52 11.98 3.18
C VAL A 157 2.68 12.13 1.88
N CYS A 158 2.87 13.19 1.10
CA CYS A 158 2.11 13.37 -0.12
C CYS A 158 3.04 13.26 -1.33
N THR A 159 2.49 12.85 -2.43
CA THR A 159 3.30 12.71 -3.67
C THR A 159 2.58 13.32 -4.88
N LEU A 160 3.36 13.61 -5.91
CA LEU A 160 2.69 14.19 -7.12
C LEU A 160 3.55 13.86 -8.30
N VAL A 161 2.92 13.61 -9.41
CA VAL A 161 3.56 13.38 -10.69
C VAL A 161 3.41 14.77 -11.39
N ARG A 162 4.55 15.40 -11.57
CA ARG A 162 4.55 16.73 -12.21
C ARG A 162 4.45 16.59 -13.73
N GLY A 163 3.65 17.43 -14.31
CA GLY A 163 3.39 17.58 -15.72
C GLY A 163 2.55 16.59 -16.46
N ARG A 164 1.91 15.67 -15.76
CA ARG A 164 1.01 14.71 -16.42
C ARG A 164 0.03 14.25 -15.32
N GLN A 165 -1.07 13.72 -15.81
CA GLN A 165 -2.11 13.26 -14.89
C GLN A 165 -1.81 11.77 -14.61
N ALA A 166 -1.37 11.59 -13.36
CA ALA A 166 -1.01 10.20 -12.93
C ALA A 166 -1.13 10.13 -11.43
N GLY A 167 -1.36 8.96 -10.83
CA GLY A 167 -1.45 8.88 -9.36
C GLY A 167 -2.03 7.53 -8.95
N VAL A 168 -2.24 7.40 -7.67
CA VAL A 168 -2.83 6.18 -7.09
C VAL A 168 -4.36 6.30 -7.29
N CYS A 169 -5.04 5.20 -7.16
CA CYS A 169 -6.55 5.26 -7.32
C CYS A 169 -7.17 4.30 -6.36
N PHE A 170 -8.47 4.11 -6.46
CA PHE A 170 -9.20 3.16 -5.53
C PHE A 170 -8.61 1.78 -5.73
N GLY A 171 -8.40 1.01 -4.66
CA GLY A 171 -7.78 -0.31 -4.80
C GLY A 171 -6.28 -0.26 -4.53
N ASP A 172 -5.72 0.94 -4.58
CA ASP A 172 -4.30 1.12 -4.28
C ASP A 172 -4.07 1.32 -2.81
N SER A 173 -5.09 1.65 -2.04
CA SER A 173 -4.89 1.88 -0.60
C SER A 173 -4.17 0.69 0.05
N GLY A 174 -3.27 0.98 1.02
CA GLY A 174 -2.60 -0.12 1.73
C GLY A 174 -1.28 -0.53 1.03
N SER A 175 -1.11 -0.12 -0.20
CA SER A 175 0.11 -0.43 -0.99
C SER A 175 1.26 0.47 -0.54
N PRO A 176 2.49 -0.02 -0.65
CA PRO A 176 3.66 0.73 -0.20
C PRO A 176 4.11 1.85 -1.15
N LEU A 177 4.75 2.82 -0.57
CA LEU A 177 5.43 3.93 -1.25
C LEU A 177 6.93 3.63 -0.88
N VAL A 178 7.76 3.37 -1.83
CA VAL A 178 9.15 2.98 -1.59
C VAL A 178 10.07 4.11 -2.01
N CYS A 179 10.85 4.54 -0.99
CA CYS A 179 11.77 5.68 -1.25
C CYS A 179 13.16 5.26 -0.74
N ASN A 180 14.07 5.29 -1.69
CA ASN A 180 15.48 4.91 -1.32
C ASN A 180 15.52 3.53 -0.72
N GLY A 181 14.69 2.64 -1.24
CA GLY A 181 14.56 1.27 -0.86
C GLY A 181 13.85 0.99 0.44
N LEU A 182 13.26 1.96 1.08
CA LEU A 182 12.56 1.71 2.35
C LEU A 182 11.04 2.02 2.19
N ILE A 183 10.26 1.37 2.99
CA ILE A 183 8.79 1.67 2.95
C ILE A 183 8.50 2.96 3.70
N HIS A 184 8.30 4.06 3.03
CA HIS A 184 8.03 5.32 3.70
C HIS A 184 6.55 5.66 3.77
N GLY A 185 5.74 5.03 2.92
CA GLY A 185 4.28 5.40 2.98
C GLY A 185 3.42 4.17 2.77
N ILE A 186 2.16 4.33 3.13
CA ILE A 186 1.07 3.40 2.91
C ILE A 186 -0.03 4.22 2.19
N ALA A 187 -0.39 3.89 0.99
CA ALA A 187 -1.44 4.68 0.24
C ALA A 187 -2.72 4.78 1.04
N SER A 188 -3.18 6.02 1.25
CA SER A 188 -4.33 6.29 2.06
C SER A 188 -5.48 6.98 1.36
N PHE A 189 -5.29 8.17 0.77
CA PHE A 189 -6.42 8.85 0.11
C PHE A 189 -6.04 9.77 -1.03
N VAL A 190 -7.05 10.02 -1.87
CA VAL A 190 -6.92 10.95 -3.04
C VAL A 190 -7.91 12.12 -2.81
N ARG A 191 -7.76 13.16 -3.57
CA ARG A 191 -8.63 14.34 -3.49
C ARG A 191 -8.85 14.87 -4.92
N GLY A 192 -10.10 15.19 -5.16
CA GLY A 192 -10.50 15.67 -6.52
C GLY A 192 -10.53 14.49 -7.50
N GLY A 193 -10.73 13.29 -7.03
CA GLY A 193 -10.73 12.11 -7.98
C GLY A 193 -9.26 11.60 -8.02
N CYS A 194 -8.89 10.56 -8.72
CA CYS A 194 -7.54 10.00 -8.68
C CYS A 194 -6.15 10.51 -8.93
N ALA A 195 -6.00 11.12 -10.04
CA ALA A 195 -4.98 11.72 -10.79
C ALA A 195 -5.52 13.07 -11.32
N SER A 196 -5.75 13.92 -10.37
CA SER A 196 -6.24 15.29 -10.57
C SER A 196 -5.33 16.17 -11.39
N GLY A 197 -4.04 16.03 -11.12
CA GLY A 197 -3.04 16.91 -11.78
C GLY A 197 -2.96 18.16 -10.91
N LEU A 198 -3.73 18.13 -9.84
CA LEU A 198 -3.82 19.13 -8.76
C LEU A 198 -4.01 18.11 -7.61
N TYR A 199 -3.91 18.36 -6.43
CA TYR A 199 -4.00 17.60 -5.25
C TYR A 199 -3.03 16.41 -5.28
N PRO A 200 -2.02 16.51 -4.41
CA PRO A 200 -1.10 15.42 -4.22
C PRO A 200 -1.82 14.19 -3.63
N ASP A 201 -1.30 13.01 -3.86
CA ASP A 201 -1.84 11.78 -3.23
C ASP A 201 -1.34 11.74 -1.75
N ALA A 202 -2.14 11.18 -0.85
CA ALA A 202 -1.73 11.09 0.58
C ALA A 202 -1.49 9.68 1.04
N PHE A 203 -0.36 9.55 1.74
CA PHE A 203 0.09 8.27 2.30
C PHE A 203 0.22 8.42 3.83
N ALA A 204 0.02 7.29 4.52
CA ALA A 204 0.24 7.27 5.99
C ALA A 204 1.79 7.25 6.08
N PRO A 205 2.35 8.08 6.97
CA PRO A 205 3.81 8.21 7.09
C PRO A 205 4.40 7.11 7.96
N VAL A 206 4.87 6.06 7.35
CA VAL A 206 5.34 4.92 8.16
C VAL A 206 6.44 5.26 9.14
N ALA A 207 7.32 6.16 8.80
CA ALA A 207 8.42 6.52 9.72
C ALA A 207 7.88 6.95 11.09
N GLN A 208 6.70 7.57 11.13
CA GLN A 208 6.11 7.99 12.39
C GLN A 208 5.55 6.83 13.22
N PHE A 209 5.48 5.62 12.72
CA PHE A 209 4.87 4.49 13.46
C PHE A 209 5.82 3.34 13.71
N VAL A 210 7.09 3.59 13.40
CA VAL A 210 8.10 2.53 13.50
C VAL A 210 8.18 1.94 14.91
N ASN A 211 8.20 2.78 15.90
CA ASN A 211 8.32 2.28 17.31
C ASN A 211 7.16 1.31 17.59
N TRP A 212 5.96 1.73 17.21
CA TRP A 212 4.76 0.91 17.39
C TRP A 212 4.84 -0.42 16.67
N ILE A 213 5.14 -0.37 15.39
CA ILE A 213 5.29 -1.57 14.56
C ILE A 213 6.21 -2.60 15.21
N ASP A 214 7.40 -2.17 15.54
CA ASP A 214 8.43 -3.03 16.17
C ASP A 214 7.86 -3.73 17.41
N SER A 215 7.25 -2.93 18.28
CA SER A 215 6.62 -3.39 19.52
C SER A 215 5.72 -4.60 19.28
N ILE A 216 5.17 -4.72 18.09
CA ILE A 216 4.29 -5.83 17.75
C ILE A 216 5.01 -6.96 17.00
N ILE A 217 5.76 -6.53 16.02
CA ILE A 217 6.53 -7.33 15.07
C ILE A 217 7.58 -8.18 15.78
N GLN A 218 8.38 -7.45 16.53
CA GLN A 218 9.48 -8.00 17.35
C GLN A 218 9.57 -7.07 18.57
C1 MSU B 1 -12.38 14.71 -0.61
O1 MSU B 1 -12.04 14.32 -1.76
C2 MSU B 1 -13.45 15.76 -0.84
C3 MSU B 1 -13.17 17.08 -1.35
C4 MSU B 1 -12.72 17.68 -2.72
OT1 MSU B 1 -12.79 16.78 -3.53
OT2 MSU B 1 -11.48 18.27 -2.51
CT MSU B 1 -10.92 18.78 -3.75
N ALA B 2 -11.76 14.44 0.52
CA ALA B 2 -10.73 13.40 0.47
C ALA B 2 -11.54 12.12 0.38
N ALA B 3 -11.11 11.15 -0.37
CA ALA B 3 -11.81 9.87 -0.55
C ALA B 3 -10.76 8.78 -0.19
N PRO B 4 -11.10 8.03 0.83
CA PRO B 4 -10.16 6.93 1.23
C PRO B 4 -10.05 5.96 0.12
C ALV B 5 -8.30 3.22 -0.79
N ALV B 5 -8.82 5.57 -0.25
O ALV B 5 -8.15 2.25 -1.79
CA ALV B 5 -8.63 4.59 -1.35
CB ALV B 5 -7.52 5.14 -2.27
C1 0QE B 6 -9.23 2.64 0.31
#